data_4DMA
#
_entry.id   4DMA
#
_cell.length_a   56.282
_cell.length_b   81.788
_cell.length_c   58.303
_cell.angle_alpha   90.00
_cell.angle_beta   111.17
_cell.angle_gamma   90.00
#
_symmetry.space_group_name_H-M   'P 1 21 1'
#
loop_
_entity.id
_entity.type
_entity.pdbx_description
1 polymer 'Estrogen receptor'
2 polymer 'Nuclear receptor coactivator 1'
3 non-polymer "2'-bromo-6'-(furan-3-yl)-4'-(hydroxymethyl)biphenyl-4-ol"
4 water water
#
loop_
_entity_poly.entity_id
_entity_poly.type
_entity_poly.pdbx_seq_one_letter_code
_entity_poly.pdbx_strand_id
1 'polypeptide(L)'
;KNSLALSLTADQMVSALLDAEPPILYSEYDPTRPFSEASMMGLLTNLADRELVHMINWAKRVPGFVDLTLHDQVHLLECA
WLEILMIGLVWRSMEHPGKLLFAPNLLLDRNQGKCVEGMVEIFDMLLATSSRFRMMNLQGEEFVCLKSIILLNSGVYTFL
SSTLKSLEEKDHIHRVLDKITDTLIHLMAKAGLTLQQQHQRLAQLLLILSHIRHMSNKGMEHLYSMKAKNVVPLYDLLLE
MLDAHRL
;
A,B
2 'polypeptide(L)' RHKILHRLLQEGSPS E,F
#
# COMPACT_ATOMS: atom_id res chain seq x y z
N SER A 3 -12.20 -28.30 -3.71
CA SER A 3 -11.65 -26.96 -4.08
C SER A 3 -11.55 -26.76 -5.59
N LEU A 4 -12.60 -26.20 -6.18
CA LEU A 4 -12.62 -25.93 -7.61
C LEU A 4 -11.68 -24.77 -7.89
N ALA A 5 -11.49 -23.93 -6.89
CA ALA A 5 -10.64 -22.75 -7.00
C ALA A 5 -9.26 -23.03 -7.61
N LEU A 6 -8.47 -23.83 -6.90
CA LEU A 6 -7.12 -24.17 -7.36
C LEU A 6 -7.14 -25.12 -8.55
N SER A 7 -8.32 -25.35 -9.10
CA SER A 7 -8.48 -26.25 -10.23
C SER A 7 -8.81 -25.52 -11.54
N LEU A 8 -8.96 -24.20 -11.45
CA LEU A 8 -9.28 -23.39 -12.62
C LEU A 8 -8.08 -23.08 -13.48
N THR A 9 -8.30 -23.07 -14.80
CA THR A 9 -7.23 -22.75 -15.74
C THR A 9 -7.20 -21.22 -15.79
N ALA A 10 -6.22 -20.66 -16.51
CA ALA A 10 -6.11 -19.22 -16.61
C ALA A 10 -7.31 -18.59 -17.31
N ASP A 11 -7.74 -19.17 -18.41
CA ASP A 11 -8.88 -18.63 -19.14
C ASP A 11 -10.21 -18.76 -18.39
N GLN A 12 -10.33 -19.77 -17.55
CA GLN A 12 -11.56 -19.96 -16.77
C GLN A 12 -11.59 -18.97 -15.60
N MET A 13 -10.42 -18.68 -15.07
CA MET A 13 -10.29 -17.73 -13.98
C MET A 13 -10.78 -16.39 -14.51
N VAL A 14 -10.30 -16.03 -15.70
CA VAL A 14 -10.68 -14.77 -16.32
C VAL A 14 -12.19 -14.68 -16.54
N SER A 15 -12.79 -15.75 -17.05
CA SER A 15 -14.22 -15.75 -17.26
C SER A 15 -14.96 -15.69 -15.94
N ALA A 16 -14.42 -16.37 -14.94
CA ALA A 16 -15.05 -16.36 -13.62
C ALA A 16 -15.10 -14.94 -13.10
N LEU A 17 -13.96 -14.25 -13.10
CA LEU A 17 -13.89 -12.89 -12.61
C LEU A 17 -14.71 -11.89 -13.43
N LEU A 18 -14.65 -11.98 -14.76
CA LEU A 18 -15.40 -11.07 -15.61
C LEU A 18 -16.90 -11.18 -15.38
N ASP A 19 -17.38 -12.41 -15.22
CA ASP A 19 -18.81 -12.64 -15.00
C ASP A 19 -19.29 -12.17 -13.63
N ALA A 20 -18.37 -12.10 -12.67
CA ALA A 20 -18.74 -11.68 -11.32
C ALA A 20 -18.75 -10.16 -11.16
N GLU A 21 -18.32 -9.43 -12.19
CA GLU A 21 -18.27 -7.97 -12.14
C GLU A 21 -19.61 -7.32 -11.77
N PRO A 22 -19.61 -6.49 -10.73
CA PRO A 22 -20.87 -5.83 -10.34
C PRO A 22 -21.24 -4.74 -11.35
N PRO A 23 -22.52 -4.40 -11.47
CA PRO A 23 -22.90 -3.35 -12.43
C PRO A 23 -22.45 -1.96 -12.00
N ILE A 24 -22.56 -1.00 -12.92
CA ILE A 24 -22.20 0.38 -12.63
C ILE A 24 -23.50 1.02 -12.17
N LEU A 25 -23.52 1.50 -10.94
CA LEU A 25 -24.73 2.10 -10.38
C LEU A 25 -24.82 3.62 -10.55
N TYR A 26 -26.05 4.13 -10.51
CA TYR A 26 -26.31 5.56 -10.63
C TYR A 26 -26.45 6.20 -9.26
N SER A 27 -26.18 7.50 -9.19
CA SER A 27 -26.31 8.24 -7.93
C SER A 27 -27.63 8.99 -7.95
N GLU A 28 -27.95 9.67 -6.85
CA GLU A 28 -29.18 10.45 -6.74
C GLU A 28 -28.96 11.90 -7.20
N TYR A 29 -27.94 12.12 -8.00
CA TYR A 29 -27.61 13.46 -8.48
C TYR A 29 -28.67 14.18 -9.31
N ASP A 30 -29.10 15.33 -8.79
CA ASP A 30 -30.07 16.19 -9.46
C ASP A 30 -29.28 17.37 -10.00
N PRO A 31 -29.22 17.52 -11.34
CA PRO A 31 -28.48 18.63 -11.95
C PRO A 31 -28.87 20.03 -11.51
N THR A 32 -30.12 20.21 -11.05
CA THR A 32 -30.58 21.53 -10.63
C THR A 32 -30.31 21.88 -9.17
N ARG A 33 -30.08 20.87 -8.33
CA ARG A 33 -29.81 21.11 -6.91
C ARG A 33 -28.43 21.67 -6.65
N PRO A 34 -28.35 22.86 -6.05
CA PRO A 34 -27.05 23.47 -5.75
C PRO A 34 -26.26 22.54 -4.83
N PHE A 35 -24.96 22.46 -5.04
CA PHE A 35 -24.10 21.60 -4.24
C PHE A 35 -23.70 22.22 -2.91
N SER A 36 -23.64 21.37 -1.88
CA SER A 36 -23.21 21.81 -0.56
C SER A 36 -22.29 20.70 -0.05
N GLU A 37 -21.68 20.90 1.11
CA GLU A 37 -20.80 19.89 1.65
C GLU A 37 -21.59 18.64 2.06
N ALA A 38 -22.84 18.84 2.47
CA ALA A 38 -23.70 17.73 2.89
C ALA A 38 -24.30 16.92 1.74
N SER A 39 -24.67 17.59 0.65
CA SER A 39 -25.26 16.86 -0.46
C SER A 39 -24.21 16.05 -1.22
N MET A 40 -23.01 16.61 -1.36
CA MET A 40 -21.95 15.91 -2.07
C MET A 40 -21.52 14.69 -1.28
N MET A 41 -21.37 14.83 0.04
CA MET A 41 -21.01 13.69 0.86
C MET A 41 -22.21 12.73 0.88
N GLY A 42 -23.41 13.29 0.78
CA GLY A 42 -24.61 12.49 0.75
C GLY A 42 -24.71 11.65 -0.51
N LEU A 43 -24.24 12.20 -1.63
CA LEU A 43 -24.26 11.48 -2.89
C LEU A 43 -23.29 10.29 -2.89
N LEU A 44 -22.07 10.53 -2.43
CA LEU A 44 -21.04 9.51 -2.38
C LEU A 44 -21.33 8.35 -1.42
N THR A 45 -21.78 8.67 -0.21
CA THR A 45 -22.09 7.64 0.76
C THR A 45 -23.33 6.86 0.35
N ASN A 46 -24.30 7.55 -0.24
CA ASN A 46 -25.51 6.88 -0.67
C ASN A 46 -25.16 5.88 -1.78
N LEU A 47 -24.23 6.26 -2.65
CA LEU A 47 -23.80 5.40 -3.74
C LEU A 47 -22.99 4.24 -3.20
N ALA A 48 -22.00 4.56 -2.38
CA ALA A 48 -21.15 3.56 -1.78
C ALA A 48 -21.94 2.50 -1.03
N ASP A 49 -22.92 2.95 -0.24
CA ASP A 49 -23.75 2.03 0.54
C ASP A 49 -24.43 1.00 -0.37
N ARG A 50 -24.88 1.44 -1.54
CA ARG A 50 -25.51 0.52 -2.46
C ARG A 50 -24.45 -0.34 -3.16
N GLU A 51 -23.26 0.23 -3.31
CA GLU A 51 -22.16 -0.49 -3.93
C GLU A 51 -21.66 -1.62 -3.04
N LEU A 52 -21.74 -1.41 -1.73
CA LEU A 52 -21.30 -2.42 -0.79
C LEU A 52 -22.06 -3.72 -0.89
N VAL A 53 -23.37 -3.65 -1.14
CA VAL A 53 -24.16 -4.86 -1.25
C VAL A 53 -23.69 -5.71 -2.43
N HIS A 54 -23.40 -5.05 -3.54
CA HIS A 54 -22.93 -5.75 -4.73
C HIS A 54 -21.53 -6.28 -4.52
N MET A 55 -20.73 -5.54 -3.73
CA MET A 55 -19.38 -5.97 -3.48
C MET A 55 -19.39 -7.26 -2.66
N ILE A 56 -20.33 -7.36 -1.73
CA ILE A 56 -20.42 -8.56 -0.90
C ILE A 56 -20.80 -9.75 -1.76
N ASN A 57 -21.72 -9.54 -2.70
CA ASN A 57 -22.14 -10.64 -3.57
C ASN A 57 -21.11 -10.97 -4.65
N TRP A 58 -20.27 -10.00 -4.98
CA TRP A 58 -19.22 -10.20 -5.96
C TRP A 58 -18.10 -11.01 -5.29
N ALA A 59 -17.76 -10.65 -4.05
CA ALA A 59 -16.72 -11.35 -3.32
C ALA A 59 -16.99 -12.86 -3.26
N LYS A 60 -18.25 -13.23 -3.09
CA LYS A 60 -18.64 -14.62 -3.01
C LYS A 60 -18.33 -15.39 -4.29
N ARG A 61 -18.27 -14.68 -5.41
CA ARG A 61 -18.00 -15.31 -6.70
C ARG A 61 -16.51 -15.33 -7.06
N VAL A 62 -15.70 -14.69 -6.23
CA VAL A 62 -14.26 -14.65 -6.43
C VAL A 62 -13.75 -16.03 -6.02
N PRO A 63 -13.23 -16.82 -6.97
CA PRO A 63 -12.72 -18.17 -6.70
C PRO A 63 -11.89 -18.33 -5.43
N GLY A 64 -12.37 -19.20 -4.54
CA GLY A 64 -11.67 -19.45 -3.30
C GLY A 64 -12.21 -18.73 -2.08
N PHE A 65 -12.80 -17.55 -2.28
CA PHE A 65 -13.32 -16.77 -1.17
C PHE A 65 -14.28 -17.49 -0.24
N VAL A 66 -15.28 -18.19 -0.80
CA VAL A 66 -16.23 -18.91 0.06
C VAL A 66 -15.60 -20.14 0.68
N ASP A 67 -14.35 -20.44 0.33
CA ASP A 67 -13.65 -21.59 0.90
C ASP A 67 -13.13 -21.18 2.27
N LEU A 68 -13.29 -19.89 2.58
CA LEU A 68 -12.83 -19.35 3.85
C LEU A 68 -13.97 -19.27 4.87
N THR A 69 -13.62 -19.38 6.14
CA THR A 69 -14.61 -19.29 7.21
C THR A 69 -15.25 -17.90 7.18
N LEU A 70 -16.50 -17.81 7.62
CA LEU A 70 -17.21 -16.54 7.64
C LEU A 70 -16.39 -15.47 8.34
N HIS A 71 -15.68 -15.86 9.39
CA HIS A 71 -14.85 -14.96 10.16
C HIS A 71 -13.75 -14.35 9.29
N ASP A 72 -13.16 -15.17 8.42
CA ASP A 72 -12.10 -14.69 7.53
C ASP A 72 -12.68 -13.81 6.42
N GLN A 73 -13.83 -14.19 5.90
CA GLN A 73 -14.50 -13.44 4.85
C GLN A 73 -14.82 -12.03 5.36
N VAL A 74 -15.38 -11.95 6.56
CA VAL A 74 -15.73 -10.66 7.15
C VAL A 74 -14.49 -9.80 7.26
N HIS A 75 -13.41 -10.34 7.80
CA HIS A 75 -12.18 -9.59 7.95
C HIS A 75 -11.61 -9.11 6.61
N LEU A 76 -11.53 -9.98 5.61
CA LEU A 76 -11.00 -9.54 4.33
C LEU A 76 -11.79 -8.38 3.74
N LEU A 77 -13.11 -8.43 3.82
CA LEU A 77 -13.94 -7.36 3.29
C LEU A 77 -13.92 -6.09 4.15
N GLU A 78 -13.83 -6.23 5.46
CA GLU A 78 -13.79 -5.04 6.31
C GLU A 78 -12.49 -4.30 6.06
N CYS A 79 -11.46 -5.06 5.67
CA CYS A 79 -10.16 -4.49 5.42
C CYS A 79 -10.01 -3.87 4.03
N ALA A 80 -10.65 -4.47 3.03
CA ALA A 80 -10.51 -4.01 1.65
C ALA A 80 -11.62 -3.22 0.98
N TRP A 81 -12.78 -3.10 1.63
CA TRP A 81 -13.90 -2.43 1.00
C TRP A 81 -13.65 -1.08 0.31
N LEU A 82 -13.00 -0.14 0.99
CA LEU A 82 -12.76 1.17 0.37
C LEU A 82 -11.72 1.08 -0.74
N GLU A 83 -10.78 0.16 -0.63
CA GLU A 83 -9.77 0.00 -1.67
C GLU A 83 -10.47 -0.48 -2.94
N ILE A 84 -11.33 -1.46 -2.76
CA ILE A 84 -12.08 -2.01 -3.88
C ILE A 84 -12.98 -0.95 -4.50
N LEU A 85 -13.66 -0.16 -3.67
CA LEU A 85 -14.52 0.88 -4.21
C LEU A 85 -13.65 1.85 -5.02
N MET A 86 -12.50 2.22 -4.45
CA MET A 86 -11.61 3.15 -5.12
C MET A 86 -11.00 2.67 -6.43
N ILE A 87 -10.49 1.45 -6.48
CA ILE A 87 -9.91 0.97 -7.72
C ILE A 87 -11.05 0.90 -8.74
N GLY A 88 -12.25 0.62 -8.27
CA GLY A 88 -13.40 0.57 -9.17
C GLY A 88 -13.66 1.94 -9.76
N LEU A 89 -13.58 2.96 -8.89
CA LEU A 89 -13.76 4.34 -9.28
C LEU A 89 -12.68 4.81 -10.27
N VAL A 90 -11.43 4.46 -9.99
CA VAL A 90 -10.31 4.84 -10.87
C VAL A 90 -10.49 4.22 -12.26
N TRP A 91 -10.91 2.96 -12.28
CA TRP A 91 -11.15 2.23 -13.53
C TRP A 91 -12.22 2.91 -14.38
N ARG A 92 -13.35 3.24 -13.77
CA ARG A 92 -14.45 3.89 -14.49
C ARG A 92 -14.03 5.24 -15.06
N SER A 93 -13.09 5.91 -14.39
CA SER A 93 -12.62 7.23 -14.80
C SER A 93 -11.48 7.24 -15.81
N MET A 94 -11.04 6.07 -16.23
CA MET A 94 -9.92 5.93 -17.15
C MET A 94 -10.01 6.75 -18.43
N GLU A 95 -11.13 6.66 -19.13
CA GLU A 95 -11.34 7.39 -20.39
C GLU A 95 -11.92 8.79 -20.21
N HIS A 96 -11.80 9.35 -19.02
CA HIS A 96 -12.32 10.69 -18.75
C HIS A 96 -11.25 11.53 -18.06
N PRO A 97 -10.23 11.98 -18.82
CA PRO A 97 -9.14 12.78 -18.27
C PRO A 97 -9.66 13.95 -17.44
N GLY A 98 -9.11 14.11 -16.25
CA GLY A 98 -9.52 15.21 -15.38
C GLY A 98 -10.82 15.00 -14.62
N LYS A 99 -11.55 13.94 -14.93
CA LYS A 99 -12.81 13.67 -14.26
C LYS A 99 -12.84 12.32 -13.54
N LEU A 100 -13.60 12.26 -12.45
CA LEU A 100 -13.78 11.03 -11.70
C LEU A 100 -15.24 10.63 -11.94
N LEU A 101 -15.46 9.50 -12.62
CA LEU A 101 -16.81 9.06 -12.90
C LEU A 101 -17.34 8.21 -11.75
N PHE A 102 -17.85 8.88 -10.71
CA PHE A 102 -18.42 8.20 -9.56
C PHE A 102 -19.59 7.37 -10.06
N ALA A 103 -20.30 7.93 -11.03
CA ALA A 103 -21.45 7.26 -11.62
C ALA A 103 -21.67 7.87 -13.00
N PRO A 104 -22.42 7.18 -13.87
CA PRO A 104 -22.70 7.67 -15.23
C PRO A 104 -23.27 9.09 -15.23
N ASN A 105 -24.04 9.42 -14.20
CA ASN A 105 -24.64 10.75 -14.12
C ASN A 105 -23.95 11.60 -13.07
N LEU A 106 -22.69 11.30 -12.78
CA LEU A 106 -21.96 12.05 -11.78
C LEU A 106 -20.47 12.03 -12.02
N LEU A 107 -20.02 12.90 -12.93
CA LEU A 107 -18.62 13.04 -13.24
C LEU A 107 -18.16 14.31 -12.54
N LEU A 108 -17.18 14.19 -11.65
CA LEU A 108 -16.69 15.36 -10.94
C LEU A 108 -15.23 15.69 -11.27
N ASP A 109 -14.91 16.97 -11.24
CA ASP A 109 -13.54 17.43 -11.46
C ASP A 109 -13.07 17.93 -10.10
N ARG A 110 -11.78 18.21 -9.95
CA ARG A 110 -11.25 18.64 -8.66
C ARG A 110 -11.90 19.89 -8.08
N ASN A 111 -12.25 20.85 -8.93
CA ASN A 111 -12.89 22.06 -8.44
C ASN A 111 -14.18 21.68 -7.73
N GLN A 112 -14.97 20.81 -8.35
CA GLN A 112 -16.22 20.38 -7.73
C GLN A 112 -15.90 19.67 -6.42
N GLY A 113 -14.65 19.25 -6.28
CA GLY A 113 -14.23 18.55 -5.08
C GLY A 113 -13.94 19.45 -3.90
N LYS A 114 -13.81 20.75 -4.16
CA LYS A 114 -13.53 21.70 -3.09
C LYS A 114 -14.77 21.96 -2.23
N CYS A 115 -15.92 21.47 -2.67
CA CYS A 115 -17.16 21.65 -1.92
C CYS A 115 -17.10 20.95 -0.58
N VAL A 116 -16.22 19.96 -0.48
CA VAL A 116 -16.03 19.22 0.76
C VAL A 116 -14.66 19.51 1.32
N GLU A 117 -14.60 19.89 2.59
CA GLU A 117 -13.35 20.23 3.23
C GLU A 117 -12.29 19.11 3.19
N GLY A 118 -11.20 19.37 2.49
CA GLY A 118 -10.13 18.39 2.39
C GLY A 118 -10.38 17.23 1.43
N MET A 119 -11.39 17.35 0.59
CA MET A 119 -11.71 16.29 -0.36
C MET A 119 -10.82 16.39 -1.59
N VAL A 120 -10.46 17.62 -1.94
CA VAL A 120 -9.65 17.84 -3.13
C VAL A 120 -8.35 17.05 -3.23
N GLU A 121 -7.64 16.86 -2.11
CA GLU A 121 -6.39 16.11 -2.17
C GLU A 121 -6.61 14.62 -2.42
N ILE A 122 -7.79 14.11 -2.05
CA ILE A 122 -8.09 12.70 -2.28
C ILE A 122 -8.42 12.59 -3.77
N PHE A 123 -9.18 13.55 -4.27
CA PHE A 123 -9.56 13.58 -5.69
C PHE A 123 -8.31 13.65 -6.53
N ASP A 124 -7.35 14.48 -6.14
CA ASP A 124 -6.10 14.62 -6.88
C ASP A 124 -5.36 13.28 -6.97
N MET A 125 -5.38 12.51 -5.89
CA MET A 125 -4.71 11.22 -5.89
C MET A 125 -5.40 10.21 -6.79
N LEU A 126 -6.73 10.24 -6.81
CA LEU A 126 -7.49 9.33 -7.65
C LEU A 126 -7.34 9.72 -9.12
N LEU A 127 -7.26 11.03 -9.38
CA LEU A 127 -7.09 11.50 -10.75
C LEU A 127 -5.73 11.07 -11.27
N ALA A 128 -4.71 11.18 -10.42
CA ALA A 128 -3.36 10.80 -10.81
C ALA A 128 -3.27 9.29 -11.09
N THR A 129 -3.93 8.49 -10.25
CA THR A 129 -3.92 7.04 -10.42
C THR A 129 -4.67 6.69 -11.69
N SER A 130 -5.68 7.48 -12.01
CA SER A 130 -6.45 7.26 -13.22
C SER A 130 -5.60 7.54 -14.44
N SER A 131 -4.77 8.59 -14.37
CA SER A 131 -3.88 8.92 -15.49
C SER A 131 -2.90 7.77 -15.66
N ARG A 132 -2.41 7.25 -14.54
CA ARG A 132 -1.48 6.14 -14.58
C ARG A 132 -2.09 4.97 -15.34
N PHE A 133 -3.37 4.74 -15.12
CA PHE A 133 -4.09 3.67 -15.80
C PHE A 133 -4.08 3.90 -17.32
N ARG A 134 -4.31 5.15 -17.74
CA ARG A 134 -4.29 5.49 -19.16
C ARG A 134 -2.89 5.27 -19.71
N MET A 135 -1.93 5.86 -19.02
CA MET A 135 -0.51 5.78 -19.37
C MET A 135 -0.06 4.37 -19.76
N MET A 136 -0.49 3.37 -19.00
CA MET A 136 -0.08 1.99 -19.30
C MET A 136 -1.15 1.17 -20.01
N ASN A 137 -2.23 1.85 -20.42
CA ASN A 137 -3.33 1.20 -21.14
C ASN A 137 -3.90 -0.07 -20.46
N LEU A 138 -4.19 0.05 -19.17
CA LEU A 138 -4.74 -1.08 -18.40
C LEU A 138 -5.97 -1.66 -19.07
N GLN A 139 -6.01 -2.98 -19.20
CA GLN A 139 -7.12 -3.69 -19.83
C GLN A 139 -8.12 -4.21 -18.80
N GLY A 140 -9.36 -4.45 -19.25
CA GLY A 140 -10.40 -4.94 -18.38
C GLY A 140 -10.06 -6.23 -17.66
N GLU A 141 -9.49 -7.19 -18.37
CA GLU A 141 -9.12 -8.46 -17.78
C GLU A 141 -8.11 -8.29 -16.66
N GLU A 142 -7.19 -7.34 -16.81
CA GLU A 142 -6.18 -7.10 -15.80
C GLU A 142 -6.79 -6.42 -14.58
N PHE A 143 -7.77 -5.55 -14.82
CA PHE A 143 -8.43 -4.84 -13.73
C PHE A 143 -9.15 -5.81 -12.80
N VAL A 144 -9.94 -6.72 -13.36
CA VAL A 144 -10.65 -7.68 -12.51
C VAL A 144 -9.68 -8.50 -11.68
N CYS A 145 -8.51 -8.80 -12.24
CA CYS A 145 -7.50 -9.56 -11.50
C CYS A 145 -7.00 -8.72 -10.32
N LEU A 146 -6.72 -7.44 -10.56
CA LEU A 146 -6.25 -6.55 -9.49
C LEU A 146 -7.26 -6.42 -8.33
N LYS A 147 -8.53 -6.29 -8.68
CA LYS A 147 -9.58 -6.16 -7.67
C LYS A 147 -9.66 -7.40 -6.79
N SER A 148 -9.54 -8.58 -7.40
CA SER A 148 -9.59 -9.82 -6.62
C SER A 148 -8.35 -9.94 -5.75
N ILE A 149 -7.21 -9.45 -6.25
CA ILE A 149 -5.97 -9.49 -5.48
C ILE A 149 -6.10 -8.62 -4.24
N ILE A 150 -6.69 -7.44 -4.42
CA ILE A 150 -6.89 -6.52 -3.30
C ILE A 150 -7.68 -7.23 -2.19
N LEU A 151 -8.81 -7.81 -2.58
CA LEU A 151 -9.67 -8.54 -1.65
C LEU A 151 -8.94 -9.62 -0.86
N LEU A 152 -8.22 -10.48 -1.57
CA LEU A 152 -7.49 -11.59 -0.97
C LEU A 152 -6.23 -11.21 -0.20
N ASN A 153 -5.60 -10.12 -0.61
CA ASN A 153 -4.35 -9.68 0.02
C ASN A 153 -4.41 -8.64 1.14
N SER A 154 -5.26 -7.64 1.03
CA SER A 154 -5.30 -6.58 2.05
C SER A 154 -5.21 -7.00 3.51
N GLY A 155 -6.13 -7.82 4.00
CA GLY A 155 -6.07 -8.22 5.39
C GLY A 155 -5.58 -9.64 5.65
N VAL A 156 -4.84 -10.23 4.71
CA VAL A 156 -4.37 -11.60 4.85
C VAL A 156 -3.38 -11.89 5.97
N TYR A 157 -2.84 -10.86 6.60
CA TYR A 157 -1.89 -11.08 7.69
C TYR A 157 -2.42 -10.57 9.01
N THR A 158 -3.51 -9.82 8.97
CA THR A 158 -4.10 -9.25 10.16
C THR A 158 -5.15 -10.14 10.82
N PHE A 159 -5.19 -11.41 10.45
CA PHE A 159 -6.17 -12.34 11.03
C PHE A 159 -5.86 -12.54 12.53
N LEU A 167 -3.63 -21.16 10.70
CA LEU A 167 -2.82 -20.57 9.63
C LEU A 167 -3.01 -21.31 8.30
N GLU A 168 -3.81 -22.37 8.30
CA GLU A 168 -4.05 -23.13 7.08
C GLU A 168 -4.99 -22.41 6.12
N GLU A 169 -6.01 -21.76 6.66
CA GLU A 169 -6.96 -21.03 5.84
C GLU A 169 -6.18 -19.97 5.09
N LYS A 170 -5.08 -19.52 5.69
CA LYS A 170 -4.22 -18.52 5.09
C LYS A 170 -3.42 -19.10 3.93
N ASP A 171 -2.95 -20.34 4.10
CA ASP A 171 -2.18 -21.00 3.06
C ASP A 171 -3.03 -21.09 1.79
N HIS A 172 -4.33 -21.31 1.99
CA HIS A 172 -5.28 -21.42 0.88
C HIS A 172 -5.32 -20.15 0.06
N ILE A 173 -5.38 -19.01 0.75
CA ILE A 173 -5.43 -17.70 0.11
C ILE A 173 -4.18 -17.48 -0.76
N HIS A 174 -3.01 -17.77 -0.21
CA HIS A 174 -1.76 -17.60 -0.95
C HIS A 174 -1.67 -18.42 -2.21
N ARG A 175 -2.39 -19.53 -2.26
CA ARG A 175 -2.37 -20.36 -3.46
C ARG A 175 -3.29 -19.74 -4.53
N VAL A 176 -4.42 -19.17 -4.12
CA VAL A 176 -5.31 -18.55 -5.08
C VAL A 176 -4.58 -17.31 -5.64
N LEU A 177 -3.87 -16.60 -4.76
CA LEU A 177 -3.11 -15.42 -5.18
C LEU A 177 -2.11 -15.80 -6.29
N ASP A 178 -1.46 -16.96 -6.15
CA ASP A 178 -0.51 -17.42 -7.16
C ASP A 178 -1.25 -17.78 -8.46
N LYS A 179 -2.47 -18.32 -8.31
CA LYS A 179 -3.27 -18.68 -9.48
C LYS A 179 -3.59 -17.40 -10.24
N ILE A 180 -3.83 -16.32 -9.51
CA ILE A 180 -4.14 -15.03 -10.14
C ILE A 180 -2.90 -14.47 -10.81
N THR A 181 -1.75 -14.61 -10.16
CA THR A 181 -0.52 -14.12 -10.77
C THR A 181 -0.31 -14.90 -12.08
N ASP A 182 -0.64 -16.19 -12.08
CA ASP A 182 -0.48 -16.99 -13.30
C ASP A 182 -1.40 -16.40 -14.37
N THR A 183 -2.67 -16.20 -14.01
CA THR A 183 -3.65 -15.64 -14.95
C THR A 183 -3.17 -14.32 -15.54
N LEU A 184 -2.56 -13.47 -14.71
CA LEU A 184 -2.05 -12.19 -15.20
C LEU A 184 -0.94 -12.42 -16.22
N ILE A 185 -0.14 -13.45 -15.97
CA ILE A 185 0.95 -13.80 -16.86
C ILE A 185 0.36 -14.36 -18.15
N HIS A 186 -0.62 -15.25 -18.00
CA HIS A 186 -1.28 -15.86 -19.14
C HIS A 186 -1.85 -14.79 -20.06
N LEU A 187 -2.49 -13.78 -19.46
CA LEU A 187 -3.08 -12.68 -20.22
C LEU A 187 -2.04 -11.88 -20.98
N MET A 188 -0.88 -11.65 -20.36
CA MET A 188 0.19 -10.88 -20.99
C MET A 188 0.87 -11.65 -22.11
N ALA A 189 1.17 -12.92 -21.86
CA ALA A 189 1.82 -13.75 -22.86
C ALA A 189 0.95 -13.78 -24.11
N LYS A 190 -0.36 -13.94 -23.92
CA LYS A 190 -1.32 -13.97 -25.03
C LYS A 190 -1.37 -12.65 -25.79
N ALA A 191 -1.08 -11.56 -25.10
CA ALA A 191 -1.10 -10.24 -25.74
C ALA A 191 0.17 -9.98 -26.56
N GLY A 192 1.09 -10.95 -26.57
CA GLY A 192 2.30 -10.79 -27.34
C GLY A 192 3.50 -10.22 -26.62
N LEU A 193 3.37 -9.91 -25.33
CA LEU A 193 4.48 -9.37 -24.56
C LEU A 193 5.60 -10.38 -24.38
N THR A 194 6.84 -9.89 -24.41
CA THR A 194 8.00 -10.76 -24.22
C THR A 194 8.08 -11.14 -22.75
N LEU A 195 8.95 -12.08 -22.40
CA LEU A 195 9.09 -12.49 -21.01
C LEU A 195 9.47 -11.29 -20.15
N GLN A 196 10.44 -10.51 -20.62
CA GLN A 196 10.89 -9.36 -19.86
C GLN A 196 9.77 -8.36 -19.68
N GLN A 197 9.00 -8.13 -20.74
CA GLN A 197 7.89 -7.19 -20.69
C GLN A 197 6.80 -7.71 -19.75
N GLN A 198 6.66 -9.02 -19.69
CA GLN A 198 5.65 -9.64 -18.84
C GLN A 198 5.94 -9.42 -17.36
N HIS A 199 7.19 -9.60 -16.94
CA HIS A 199 7.48 -9.40 -15.52
C HIS A 199 7.51 -7.91 -15.15
N GLN A 200 7.78 -7.05 -16.14
CA GLN A 200 7.81 -5.61 -15.87
C GLN A 200 6.39 -5.04 -15.73
N ARG A 201 5.47 -5.49 -16.57
CA ARG A 201 4.11 -5.00 -16.49
C ARG A 201 3.43 -5.57 -15.25
N LEU A 202 3.85 -6.77 -14.86
CA LEU A 202 3.31 -7.40 -13.67
C LEU A 202 3.65 -6.52 -12.47
N ALA A 203 4.89 -6.06 -12.39
CA ALA A 203 5.34 -5.21 -11.30
C ALA A 203 4.61 -3.88 -11.33
N GLN A 204 4.44 -3.33 -12.54
CA GLN A 204 3.75 -2.07 -12.73
C GLN A 204 2.32 -2.18 -12.21
N LEU A 205 1.68 -3.30 -12.52
CA LEU A 205 0.31 -3.53 -12.07
C LEU A 205 0.20 -3.64 -10.55
N LEU A 206 1.01 -4.50 -9.94
CA LEU A 206 0.94 -4.68 -8.50
C LEU A 206 1.43 -3.47 -7.71
N LEU A 207 2.27 -2.64 -8.32
CA LEU A 207 2.76 -1.48 -7.62
C LEU A 207 1.61 -0.49 -7.40
N ILE A 208 0.57 -0.63 -8.21
CA ILE A 208 -0.64 0.19 -8.14
C ILE A 208 -1.33 -0.04 -6.79
N LEU A 209 -1.32 -1.28 -6.31
CA LEU A 209 -1.98 -1.65 -5.06
C LEU A 209 -1.47 -0.84 -3.87
N SER A 210 -0.22 -0.44 -3.91
CA SER A 210 0.36 0.36 -2.83
C SER A 210 -0.29 1.74 -2.81
N HIS A 211 -0.58 2.27 -3.99
CA HIS A 211 -1.20 3.57 -4.12
C HIS A 211 -2.68 3.48 -3.75
N ILE A 212 -3.30 2.36 -4.12
CA ILE A 212 -4.71 2.10 -3.79
C ILE A 212 -4.84 2.06 -2.27
N ARG A 213 -3.92 1.35 -1.62
CA ARG A 213 -3.96 1.25 -0.18
C ARG A 213 -3.76 2.60 0.50
N HIS A 214 -2.91 3.45 -0.08
CA HIS A 214 -2.64 4.77 0.46
C HIS A 214 -3.90 5.65 0.42
N MET A 215 -4.51 5.77 -0.75
CA MET A 215 -5.72 6.57 -0.90
C MET A 215 -6.82 6.04 0.01
N SER A 216 -6.87 4.72 0.18
CA SER A 216 -7.87 4.09 1.03
C SER A 216 -7.72 4.54 2.48
N ASN A 217 -6.48 4.59 2.96
CA ASN A 217 -6.20 5.01 4.33
C ASN A 217 -6.50 6.49 4.51
N LYS A 218 -6.19 7.27 3.49
CA LYS A 218 -6.42 8.72 3.53
C LYS A 218 -7.91 9.01 3.46
N GLY A 219 -8.62 8.30 2.60
CA GLY A 219 -10.05 8.53 2.47
C GLY A 219 -10.83 8.00 3.66
N MET A 220 -10.27 7.02 4.36
CA MET A 220 -10.93 6.44 5.53
C MET A 220 -10.84 7.46 6.67
N GLU A 221 -9.74 8.20 6.72
CA GLU A 221 -9.56 9.23 7.74
C GLU A 221 -10.49 10.40 7.42
N HIS A 222 -10.57 10.74 6.14
CA HIS A 222 -11.44 11.83 5.71
C HIS A 222 -12.90 11.49 6.02
N LEU A 223 -13.29 10.25 5.74
CA LEU A 223 -14.65 9.82 5.97
C LEU A 223 -14.99 9.86 7.46
N TYR A 224 -14.07 9.39 8.31
CA TYR A 224 -14.32 9.40 9.74
C TYR A 224 -14.47 10.83 10.24
N SER A 225 -13.74 11.75 9.63
CA SER A 225 -13.81 13.14 10.00
C SER A 225 -15.14 13.76 9.60
N MET A 226 -15.69 13.32 8.46
CA MET A 226 -16.97 13.84 8.01
C MET A 226 -18.06 13.32 8.93
N LYS A 227 -17.86 12.11 9.44
CA LYS A 227 -18.80 11.47 10.34
C LYS A 227 -18.87 12.20 11.69
N ALA A 228 -17.83 12.95 12.01
CA ALA A 228 -17.78 13.70 13.26
C ALA A 228 -18.20 15.15 13.02
N LYS A 229 -18.67 15.43 11.81
CA LYS A 229 -19.13 16.77 11.45
C LYS A 229 -20.63 16.71 11.19
N ASN A 230 -21.17 15.49 11.25
CA ASN A 230 -22.59 15.25 11.02
C ASN A 230 -22.98 15.59 9.58
N VAL A 231 -22.32 14.93 8.63
CA VAL A 231 -22.60 15.14 7.21
C VAL A 231 -22.66 13.80 6.49
N VAL A 232 -22.62 12.72 7.26
CA VAL A 232 -22.67 11.38 6.70
C VAL A 232 -23.94 10.68 7.18
N PRO A 233 -24.90 10.45 6.25
CA PRO A 233 -26.17 9.79 6.55
C PRO A 233 -26.07 8.50 7.36
N LEU A 234 -27.22 8.08 7.88
CA LEU A 234 -27.32 6.86 8.69
C LEU A 234 -27.29 5.57 7.86
N TYR A 235 -26.24 5.39 7.06
CA TYR A 235 -26.14 4.17 6.26
C TYR A 235 -25.42 3.10 7.05
N ASP A 236 -26.21 2.28 7.75
CA ASP A 236 -25.72 1.21 8.61
C ASP A 236 -24.59 0.33 8.08
N LEU A 237 -24.73 -0.20 6.87
CA LEU A 237 -23.68 -1.04 6.30
C LEU A 237 -22.39 -0.24 6.17
N LEU A 238 -22.47 0.90 5.52
CA LEU A 238 -21.30 1.76 5.33
C LEU A 238 -20.66 2.12 6.67
N LEU A 239 -21.47 2.61 7.59
CA LEU A 239 -21.00 2.99 8.92
C LEU A 239 -20.35 1.83 9.66
N GLU A 240 -20.93 0.65 9.53
CA GLU A 240 -20.39 -0.53 10.16
C GLU A 240 -19.04 -0.84 9.51
N MET A 241 -18.94 -0.62 8.21
CA MET A 241 -17.68 -0.89 7.51
C MET A 241 -16.66 0.14 7.94
N LEU A 242 -17.12 1.35 8.24
CA LEU A 242 -16.22 2.40 8.67
C LEU A 242 -15.65 2.12 10.08
N ASP A 243 -16.53 1.80 11.02
CA ASP A 243 -16.11 1.52 12.41
C ASP A 243 -15.15 0.36 12.58
N ALA A 244 -15.15 -0.57 11.63
CA ALA A 244 -14.25 -1.70 11.73
C ALA A 244 -12.79 -1.27 11.57
N HIS A 245 -12.56 -0.02 11.21
CA HIS A 245 -11.19 0.45 11.04
C HIS A 245 -10.60 1.17 12.24
N ARG A 246 -11.41 1.44 13.26
CA ARG A 246 -10.90 2.05 14.49
C ARG A 246 -11.40 1.17 15.62
N LEU A 247 -10.93 -0.08 15.60
CA LEU A 247 -11.30 -1.07 16.61
C LEU A 247 -11.57 -0.45 17.97
N LYS B 1 23.28 15.29 -18.83
CA LYS B 1 23.63 13.90 -19.09
C LYS B 1 22.42 12.99 -19.04
N ASN B 2 22.53 11.82 -19.65
CA ASN B 2 21.46 10.83 -19.61
C ASN B 2 21.71 10.11 -18.29
N SER B 3 20.74 9.35 -17.81
CA SER B 3 20.91 8.65 -16.54
C SER B 3 21.84 7.44 -16.64
N LEU B 4 22.97 7.52 -15.94
CA LEU B 4 23.95 6.44 -15.92
C LEU B 4 23.42 5.17 -15.25
N ALA B 5 22.22 5.26 -14.66
CA ALA B 5 21.61 4.11 -14.00
C ALA B 5 21.06 3.06 -14.97
N LEU B 6 20.52 3.53 -16.08
CA LEU B 6 19.94 2.62 -17.07
C LEU B 6 20.95 1.72 -17.78
N SER B 7 22.22 2.10 -17.77
CA SER B 7 23.25 1.31 -18.43
C SER B 7 23.82 0.22 -17.52
N LEU B 8 23.49 0.29 -16.23
CA LEU B 8 23.97 -0.70 -15.27
C LEU B 8 23.41 -2.09 -15.55
N THR B 9 24.21 -3.12 -15.34
CA THR B 9 23.74 -4.48 -15.55
C THR B 9 23.14 -4.94 -14.23
N ALA B 10 22.52 -6.12 -14.23
CA ALA B 10 21.90 -6.65 -13.03
C ALA B 10 22.88 -6.72 -11.87
N ASP B 11 24.07 -7.26 -12.13
CA ASP B 11 25.08 -7.40 -11.08
C ASP B 11 25.57 -6.08 -10.53
N GLN B 12 25.70 -5.07 -11.39
CA GLN B 12 26.18 -3.76 -10.96
C GLN B 12 25.09 -3.03 -10.17
N MET B 13 23.83 -3.33 -10.49
CA MET B 13 22.69 -2.73 -9.81
C MET B 13 22.65 -3.31 -8.39
N VAL B 14 22.80 -4.63 -8.30
CA VAL B 14 22.80 -5.34 -7.02
C VAL B 14 23.92 -4.89 -6.09
N SER B 15 25.15 -4.84 -6.60
CA SER B 15 26.28 -4.42 -5.78
C SER B 15 26.21 -2.93 -5.44
N ALA B 16 25.63 -2.12 -6.31
CA ALA B 16 25.49 -0.69 -6.05
C ALA B 16 24.51 -0.49 -4.88
N LEU B 17 23.45 -1.29 -4.84
CA LEU B 17 22.45 -1.24 -3.79
C LEU B 17 22.98 -1.77 -2.45
N LEU B 18 23.66 -2.91 -2.46
CA LEU B 18 24.22 -3.45 -1.22
C LEU B 18 25.27 -2.46 -0.68
N ASP B 19 25.98 -1.81 -1.58
CA ASP B 19 27.03 -0.86 -1.20
C ASP B 19 26.45 0.42 -0.58
N ALA B 20 25.20 0.74 -0.95
CA ALA B 20 24.54 1.94 -0.45
C ALA B 20 23.92 1.75 0.94
N GLU B 21 23.73 0.51 1.35
CA GLU B 21 23.11 0.23 2.65
C GLU B 21 23.61 1.10 3.79
N PRO B 22 22.67 1.66 4.57
CA PRO B 22 23.02 2.53 5.69
C PRO B 22 23.48 1.64 6.85
N PRO B 23 24.24 2.22 7.79
CA PRO B 23 24.72 1.43 8.92
C PRO B 23 23.60 1.12 9.91
N ILE B 24 23.85 0.18 10.83
CA ILE B 24 22.85 -0.15 11.84
C ILE B 24 23.25 0.63 13.08
N LEU B 25 22.35 1.49 13.56
CA LEU B 25 22.63 2.33 14.71
C LEU B 25 22.14 1.72 16.02
N TYR B 26 22.74 2.17 17.12
CA TYR B 26 22.35 1.68 18.44
C TYR B 26 21.43 2.66 19.14
N SER B 27 20.70 2.16 20.12
CA SER B 27 19.81 2.99 20.91
C SER B 27 20.54 3.41 22.18
N GLU B 28 19.83 3.97 23.16
CA GLU B 28 20.45 4.37 24.41
C GLU B 28 20.88 3.09 25.12
N TYR B 29 21.91 3.17 25.95
CA TYR B 29 22.40 1.98 26.65
C TYR B 29 21.83 1.84 28.05
N ASP B 30 20.89 2.72 28.42
CA ASP B 30 20.26 2.67 29.73
C ASP B 30 19.41 1.41 29.81
N PRO B 31 19.74 0.49 30.73
CA PRO B 31 19.00 -0.76 30.92
C PRO B 31 17.78 -0.63 31.84
N THR B 32 17.35 0.60 32.09
CA THR B 32 16.18 0.82 32.95
C THR B 32 14.90 0.25 32.39
N ARG B 33 14.38 -0.77 33.06
CA ARG B 33 13.14 -1.42 32.63
C ARG B 33 12.14 -1.50 33.80
N PRO B 34 10.84 -1.51 33.49
CA PRO B 34 10.32 -1.45 32.12
C PRO B 34 10.23 -0.01 31.63
N PHE B 35 9.91 0.18 30.35
CA PHE B 35 9.78 1.51 29.78
C PHE B 35 8.43 2.11 30.14
N SER B 36 8.36 3.44 30.12
CA SER B 36 7.09 4.12 30.39
C SER B 36 6.60 4.45 28.98
N GLU B 37 5.51 5.19 28.86
CA GLU B 37 5.02 5.52 27.52
C GLU B 37 6.00 6.48 26.87
N ALA B 38 6.41 7.50 27.61
CA ALA B 38 7.33 8.49 27.09
C ALA B 38 8.75 7.97 26.87
N SER B 39 9.29 7.18 27.80
CA SER B 39 10.65 6.67 27.63
C SER B 39 10.73 5.80 26.36
N MET B 40 9.71 4.99 26.16
CA MET B 40 9.62 4.12 25.00
C MET B 40 9.62 4.95 23.71
N MET B 41 8.63 5.84 23.61
CA MET B 41 8.49 6.70 22.45
C MET B 41 9.73 7.55 22.25
N GLY B 42 10.40 7.89 23.35
CA GLY B 42 11.60 8.69 23.28
C GLY B 42 12.74 7.92 22.63
N LEU B 43 12.88 6.65 22.98
CA LEU B 43 13.95 5.85 22.41
C LEU B 43 13.74 5.68 20.92
N LEU B 44 12.50 5.41 20.52
CA LEU B 44 12.18 5.19 19.12
C LEU B 44 12.39 6.42 18.24
N THR B 45 11.90 7.57 18.68
CA THR B 45 12.03 8.80 17.91
C THR B 45 13.45 9.32 17.86
N ASN B 46 14.23 9.01 18.88
CA ASN B 46 15.61 9.46 18.90
C ASN B 46 16.36 8.63 17.86
N LEU B 47 16.08 7.33 17.83
CA LEU B 47 16.69 6.39 16.89
C LEU B 47 16.34 6.73 15.43
N ALA B 48 15.06 6.89 15.14
CA ALA B 48 14.59 7.21 13.79
C ALA B 48 15.16 8.52 13.28
N ASP B 49 15.23 9.50 14.17
CA ASP B 49 15.76 10.81 13.81
C ASP B 49 17.20 10.64 13.27
N ARG B 50 17.99 9.80 13.95
CA ARG B 50 19.36 9.55 13.52
C ARG B 50 19.43 8.67 12.28
N GLU B 51 18.48 7.75 12.13
CA GLU B 51 18.45 6.87 10.97
C GLU B 51 18.07 7.63 9.72
N LEU B 52 17.20 8.64 9.87
CA LEU B 52 16.75 9.41 8.72
C LEU B 52 17.91 10.12 8.01
N VAL B 53 18.95 10.49 8.75
CA VAL B 53 20.11 11.15 8.13
C VAL B 53 20.81 10.14 7.22
N HIS B 54 21.02 8.94 7.74
CA HIS B 54 21.68 7.91 6.95
C HIS B 54 20.76 7.42 5.84
N MET B 55 19.45 7.54 6.04
CA MET B 55 18.50 7.11 5.01
C MET B 55 18.67 8.01 3.79
N ILE B 56 18.86 9.30 4.05
CA ILE B 56 19.06 10.30 3.00
C ILE B 56 20.35 10.04 2.23
N ASN B 57 21.43 9.66 2.91
CA ASN B 57 22.69 9.37 2.22
C ASN B 57 22.52 8.14 1.36
N TRP B 58 21.71 7.20 1.86
CA TRP B 58 21.41 5.96 1.17
C TRP B 58 20.64 6.22 -0.13
N ALA B 59 19.64 7.09 -0.05
CA ALA B 59 18.80 7.44 -1.21
C ALA B 59 19.63 7.98 -2.36
N LYS B 60 20.61 8.83 -2.04
CA LYS B 60 21.47 9.43 -3.05
C LYS B 60 22.36 8.41 -3.76
N ARG B 61 22.54 7.24 -3.15
CA ARG B 61 23.35 6.19 -3.76
C ARG B 61 22.48 5.19 -4.51
N VAL B 62 21.17 5.47 -4.57
CA VAL B 62 20.29 4.57 -5.30
C VAL B 62 20.37 5.00 -6.76
N PRO B 63 20.81 4.09 -7.63
CA PRO B 63 20.96 4.32 -9.07
C PRO B 63 19.82 5.12 -9.67
N GLY B 64 20.15 6.29 -10.20
CA GLY B 64 19.14 7.12 -10.84
C GLY B 64 18.44 8.13 -9.94
N PHE B 65 18.67 8.06 -8.63
CA PHE B 65 18.01 8.98 -7.71
C PHE B 65 18.53 10.41 -7.83
N VAL B 66 19.83 10.59 -8.03
CA VAL B 66 20.33 11.94 -8.13
C VAL B 66 20.12 12.58 -9.49
N ASP B 67 19.65 11.81 -10.47
CA ASP B 67 19.40 12.37 -11.80
C ASP B 67 18.08 13.15 -11.76
N LEU B 68 17.33 12.99 -10.67
CA LEU B 68 16.06 13.69 -10.49
C LEU B 68 16.32 15.08 -9.91
N THR B 69 15.44 16.03 -10.20
CA THR B 69 15.60 17.38 -9.68
C THR B 69 15.53 17.32 -8.16
N LEU B 70 15.98 18.37 -7.50
CA LEU B 70 15.95 18.43 -6.06
C LEU B 70 14.50 18.31 -5.60
N HIS B 71 13.62 18.95 -6.35
CA HIS B 71 12.18 18.95 -6.07
C HIS B 71 11.64 17.52 -5.93
N ASP B 72 11.87 16.70 -6.96
CA ASP B 72 11.40 15.31 -6.97
C ASP B 72 12.02 14.51 -5.83
N GLN B 73 13.32 14.63 -5.67
CA GLN B 73 14.02 13.91 -4.61
C GLN B 73 13.32 14.17 -3.28
N VAL B 74 13.14 15.44 -2.95
CA VAL B 74 12.48 15.82 -1.73
C VAL B 74 11.11 15.15 -1.65
N HIS B 75 10.33 15.26 -2.71
CA HIS B 75 9.01 14.66 -2.72
C HIS B 75 9.02 13.15 -2.43
N LEU B 76 9.85 12.39 -3.15
CA LEU B 76 9.89 10.95 -2.93
C LEU B 76 10.24 10.61 -1.48
N LEU B 77 11.24 11.27 -0.92
CA LEU B 77 11.64 11.01 0.46
C LEU B 77 10.56 11.37 1.49
N GLU B 78 9.97 12.55 1.38
CA GLU B 78 8.94 12.95 2.35
C GLU B 78 7.78 11.97 2.31
N CYS B 79 7.49 11.44 1.13
CA CYS B 79 6.39 10.50 0.99
C CYS B 79 6.67 9.09 1.53
N ALA B 80 7.88 8.57 1.31
CA ALA B 80 8.22 7.21 1.73
C ALA B 80 9.09 7.01 2.96
N TRP B 81 9.54 8.08 3.61
CA TRP B 81 10.44 7.90 4.74
C TRP B 81 10.02 6.89 5.81
N LEU B 82 8.74 6.87 6.21
CA LEU B 82 8.34 5.93 7.24
C LEU B 82 8.22 4.52 6.70
N GLU B 83 7.86 4.38 5.44
CA GLU B 83 7.77 3.05 4.85
C GLU B 83 9.17 2.44 4.83
N ILE B 84 10.15 3.24 4.43
CA ILE B 84 11.54 2.81 4.34
C ILE B 84 12.12 2.42 5.69
N LEU B 85 11.84 3.21 6.73
CA LEU B 85 12.34 2.86 8.06
C LEU B 85 11.70 1.56 8.53
N MET B 86 10.41 1.39 8.21
CA MET B 86 9.70 0.19 8.64
C MET B 86 10.13 -1.10 7.94
N ILE B 87 10.34 -1.06 6.63
CA ILE B 87 10.75 -2.30 5.95
C ILE B 87 12.16 -2.64 6.48
N GLY B 88 12.90 -1.63 6.90
CA GLY B 88 14.23 -1.84 7.45
C GLY B 88 14.07 -2.55 8.79
N LEU B 89 13.10 -2.10 9.59
CA LEU B 89 12.83 -2.72 10.88
C LEU B 89 12.36 -4.17 10.69
N VAL B 90 11.47 -4.39 9.73
CA VAL B 90 10.95 -5.72 9.47
C VAL B 90 12.10 -6.67 9.05
N TRP B 91 12.98 -6.17 8.18
CA TRP B 91 14.13 -6.94 7.69
C TRP B 91 15.06 -7.32 8.82
N ARG B 92 15.44 -6.36 9.65
CA ARG B 92 16.34 -6.61 10.78
C ARG B 92 15.73 -7.56 11.81
N SER B 93 14.40 -7.60 11.88
CA SER B 93 13.68 -8.43 12.85
C SER B 93 13.36 -9.84 12.35
N MET B 94 13.61 -10.08 11.07
CA MET B 94 13.31 -11.36 10.47
C MET B 94 13.80 -12.59 11.23
N GLU B 95 15.05 -12.58 11.67
CA GLU B 95 15.61 -13.73 12.38
C GLU B 95 15.30 -13.80 13.87
N HIS B 96 14.42 -12.92 14.35
CA HIS B 96 14.05 -12.90 15.76
C HIS B 96 12.52 -12.94 15.97
N PRO B 97 11.91 -14.09 15.65
CA PRO B 97 10.47 -14.36 15.76
C PRO B 97 9.80 -13.81 17.01
N GLY B 98 8.71 -13.07 16.81
CA GLY B 98 7.98 -12.51 17.93
C GLY B 98 8.67 -11.31 18.54
N LYS B 99 9.68 -10.78 17.86
CA LYS B 99 10.40 -9.63 18.38
C LYS B 99 10.76 -8.61 17.30
N LEU B 100 10.91 -7.35 17.70
CA LEU B 100 11.27 -6.30 16.79
C LEU B 100 12.65 -5.78 17.17
N LEU B 101 13.61 -5.89 16.26
CA LEU B 101 14.96 -5.43 16.55
C LEU B 101 15.12 -3.99 16.05
N PHE B 102 14.73 -3.04 16.88
CA PHE B 102 14.84 -1.64 16.54
C PHE B 102 16.31 -1.25 16.42
N ALA B 103 17.14 -1.92 17.22
CA ALA B 103 18.59 -1.69 17.24
C ALA B 103 19.19 -2.91 17.92
N PRO B 104 20.49 -3.16 17.75
CA PRO B 104 21.09 -4.33 18.39
C PRO B 104 20.79 -4.39 19.89
N ASN B 105 20.81 -3.23 20.55
CA ASN B 105 20.56 -3.16 21.99
C ASN B 105 19.12 -2.78 22.33
N LEU B 106 18.22 -2.90 21.35
CA LEU B 106 16.81 -2.55 21.58
C LEU B 106 15.94 -3.54 20.81
N LEU B 107 15.81 -4.73 21.40
CA LEU B 107 15.03 -5.83 20.88
C LEU B 107 13.78 -5.91 21.74
N LEU B 108 12.65 -5.52 21.16
CA LEU B 108 11.37 -5.50 21.86
C LEU B 108 10.39 -6.59 21.47
N ASP B 109 9.75 -7.20 22.47
CA ASP B 109 8.75 -8.23 22.22
C ASP B 109 7.43 -7.48 22.08
N ARG B 110 6.40 -8.16 21.58
CA ARG B 110 5.11 -7.50 21.39
C ARG B 110 4.51 -6.99 22.68
N ASN B 111 4.80 -7.68 23.78
CA ASN B 111 4.26 -7.26 25.07
C ASN B 111 4.70 -5.84 25.44
N GLN B 112 5.98 -5.56 25.25
CA GLN B 112 6.50 -4.23 25.56
C GLN B 112 5.80 -3.16 24.72
N GLY B 113 5.13 -3.57 23.67
CA GLY B 113 4.42 -2.61 22.85
C GLY B 113 3.26 -1.97 23.62
N LYS B 114 2.74 -2.71 24.60
CA LYS B 114 1.63 -2.23 25.41
C LYS B 114 2.00 -1.00 26.23
N CYS B 115 3.31 -0.76 26.37
CA CYS B 115 3.80 0.39 27.13
C CYS B 115 3.26 1.68 26.52
N VAL B 116 3.02 1.64 25.21
CA VAL B 116 2.51 2.80 24.50
C VAL B 116 1.09 2.54 23.99
N GLU B 117 0.20 3.49 24.23
CA GLU B 117 -1.19 3.37 23.80
C GLU B 117 -1.34 3.33 22.28
N GLY B 118 -1.97 2.26 21.78
CA GLY B 118 -2.19 2.13 20.35
C GLY B 118 -0.97 1.61 19.60
N MET B 119 0.11 1.34 20.33
CA MET B 119 1.33 0.85 19.72
C MET B 119 1.31 -0.65 19.44
N VAL B 120 0.66 -1.43 20.29
CA VAL B 120 0.63 -2.86 20.09
C VAL B 120 -0.01 -3.28 18.77
N GLU B 121 -1.00 -2.52 18.30
CA GLU B 121 -1.67 -2.85 17.04
C GLU B 121 -0.67 -2.74 15.88
N ILE B 122 0.20 -1.74 15.96
CA ILE B 122 1.21 -1.51 14.94
C ILE B 122 2.30 -2.56 15.08
N PHE B 123 2.65 -2.88 16.31
CA PHE B 123 3.67 -3.89 16.57
C PHE B 123 3.24 -5.22 15.96
N ASP B 124 1.97 -5.58 16.13
CA ASP B 124 1.50 -6.84 15.57
C ASP B 124 1.62 -6.91 14.06
N MET B 125 1.29 -5.81 13.37
CA MET B 125 1.40 -5.78 11.91
C MET B 125 2.85 -5.94 11.47
N LEU B 126 3.77 -5.28 12.19
CA LEU B 126 5.18 -5.37 11.89
C LEU B 126 5.71 -6.78 12.15
N LEU B 127 5.25 -7.40 13.24
CA LEU B 127 5.68 -8.75 13.55
C LEU B 127 5.18 -9.74 12.48
N ALA B 128 3.92 -9.61 12.08
CA ALA B 128 3.34 -10.50 11.07
C ALA B 128 4.07 -10.34 9.72
N THR B 129 4.36 -9.10 9.36
CA THR B 129 5.06 -8.85 8.10
C THR B 129 6.43 -9.49 8.22
N SER B 130 6.98 -9.46 9.43
CA SER B 130 8.29 -10.04 9.66
C SER B 130 8.26 -11.56 9.48
N SER B 131 7.23 -12.23 10.03
CA SER B 131 7.12 -13.68 9.87
C SER B 131 6.91 -13.99 8.39
N ARG B 132 6.20 -13.10 7.72
CA ARG B 132 5.94 -13.27 6.29
C ARG B 132 7.28 -13.25 5.55
N PHE B 133 8.14 -12.30 5.92
CA PHE B 133 9.47 -12.19 5.30
C PHE B 133 10.28 -13.47 5.58
N ARG B 134 10.20 -13.96 6.81
CA ARG B 134 10.92 -15.14 7.20
C ARG B 134 10.43 -16.41 6.49
N MET B 135 9.11 -16.57 6.36
CA MET B 135 8.56 -17.73 5.68
C MET B 135 8.84 -17.78 4.19
N MET B 136 9.14 -16.64 3.59
CA MET B 136 9.44 -16.57 2.16
C MET B 136 10.93 -16.66 1.93
N ASN B 137 11.69 -16.64 3.01
CA ASN B 137 13.14 -16.70 2.91
C ASN B 137 13.67 -15.49 2.14
N LEU B 138 13.21 -14.30 2.53
CA LEU B 138 13.65 -13.08 1.86
C LEU B 138 15.15 -12.96 1.97
N GLN B 139 15.80 -12.69 0.85
CA GLN B 139 17.25 -12.54 0.78
C GLN B 139 17.64 -11.06 0.85
N GLY B 140 18.80 -10.79 1.43
CA GLY B 140 19.28 -9.42 1.54
C GLY B 140 19.27 -8.68 0.21
N GLU B 141 19.61 -9.40 -0.87
CA GLU B 141 19.64 -8.80 -2.19
C GLU B 141 18.25 -8.39 -2.66
N GLU B 142 17.25 -9.19 -2.30
CA GLU B 142 15.87 -8.88 -2.66
C GLU B 142 15.40 -7.71 -1.81
N PHE B 143 15.83 -7.70 -0.55
CA PHE B 143 15.46 -6.64 0.39
C PHE B 143 15.91 -5.25 -0.08
N VAL B 144 17.17 -5.10 -0.46
CA VAL B 144 17.62 -3.78 -0.92
C VAL B 144 16.86 -3.39 -2.18
N CYS B 145 16.47 -4.37 -2.98
CA CYS B 145 15.70 -4.06 -4.19
C CYS B 145 14.33 -3.53 -3.80
N LEU B 146 13.68 -4.20 -2.84
CA LEU B 146 12.36 -3.78 -2.40
C LEU B 146 12.39 -2.37 -1.82
N LYS B 147 13.36 -2.11 -0.94
CA LYS B 147 13.48 -0.81 -0.30
C LYS B 147 13.67 0.31 -1.32
N SER B 148 14.40 0.02 -2.40
CA SER B 148 14.60 1.00 -3.46
C SER B 148 13.29 1.25 -4.21
N ILE B 149 12.48 0.22 -4.36
CA ILE B 149 11.20 0.36 -5.05
C ILE B 149 10.27 1.29 -4.26
N ILE B 150 10.27 1.16 -2.94
CA ILE B 150 9.42 2.01 -2.11
C ILE B 150 9.82 3.47 -2.36
N LEU B 151 11.11 3.76 -2.27
CA LEU B 151 11.63 5.09 -2.49
C LEU B 151 11.12 5.75 -3.78
N LEU B 152 11.31 5.06 -4.90
CA LEU B 152 10.94 5.54 -6.22
C LEU B 152 9.46 5.45 -6.58
N ASN B 153 8.75 4.48 -6.02
CA ASN B 153 7.34 4.28 -6.32
C ASN B 153 6.26 5.02 -5.52
N SER B 154 6.42 5.10 -4.21
CA SER B 154 5.39 5.71 -3.37
C SER B 154 4.88 7.11 -3.75
N GLY B 155 5.77 8.01 -4.13
CA GLY B 155 5.32 9.34 -4.50
C GLY B 155 5.49 9.62 -5.98
N VAL B 156 5.54 8.54 -6.77
CA VAL B 156 5.74 8.69 -8.21
C VAL B 156 4.49 9.10 -8.99
N TYR B 157 3.30 8.74 -8.50
CA TYR B 157 2.06 9.10 -9.16
C TYR B 157 1.75 10.56 -8.85
N THR B 158 2.34 11.07 -7.76
CA THR B 158 2.12 12.44 -7.32
C THR B 158 2.83 13.48 -8.17
N PHE B 159 3.07 13.16 -9.44
CA PHE B 159 3.73 14.10 -10.35
C PHE B 159 2.78 14.49 -11.48
N ASP B 171 8.81 9.46 -16.61
CA ASP B 171 9.26 8.36 -17.48
C ASP B 171 10.60 7.81 -17.01
N HIS B 172 11.45 8.70 -16.51
CA HIS B 172 12.77 8.29 -16.03
C HIS B 172 12.64 7.41 -14.79
N ILE B 173 11.79 7.80 -13.87
CA ILE B 173 11.59 7.02 -12.65
C ILE B 173 11.03 5.65 -13.01
N HIS B 174 10.07 5.63 -13.94
CA HIS B 174 9.46 4.36 -14.34
C HIS B 174 10.42 3.45 -15.10
N ARG B 175 11.46 4.02 -15.70
CA ARG B 175 12.44 3.22 -16.42
C ARG B 175 13.37 2.60 -15.37
N VAL B 176 13.62 3.35 -14.31
CA VAL B 176 14.47 2.85 -13.24
C VAL B 176 13.78 1.73 -12.47
N LEU B 177 12.47 1.83 -12.32
CA LEU B 177 11.69 0.80 -11.62
C LEU B 177 11.73 -0.50 -12.41
N ASP B 178 11.65 -0.39 -13.73
CA ASP B 178 11.72 -1.58 -14.58
C ASP B 178 13.09 -2.23 -14.39
N LYS B 179 14.14 -1.39 -14.33
CA LYS B 179 15.51 -1.87 -14.12
C LYS B 179 15.58 -2.70 -12.83
N ILE B 180 15.01 -2.16 -11.76
CA ILE B 180 15.02 -2.86 -10.48
C ILE B 180 14.21 -4.15 -10.56
N THR B 181 13.12 -4.12 -11.31
CA THR B 181 12.27 -5.31 -11.48
C THR B 181 13.07 -6.40 -12.21
N ASP B 182 13.85 -5.99 -13.20
CA ASP B 182 14.67 -6.94 -13.96
C ASP B 182 15.74 -7.49 -13.04
N THR B 183 16.29 -6.63 -12.20
CA THR B 183 17.33 -7.02 -11.27
C THR B 183 16.81 -8.06 -10.29
N LEU B 184 15.56 -7.90 -9.88
CA LEU B 184 14.92 -8.81 -8.93
C LEU B 184 14.75 -10.21 -9.53
N ILE B 185 14.31 -10.28 -10.79
CA ILE B 185 14.13 -11.55 -11.47
C ILE B 185 15.51 -12.22 -11.66
N HIS B 186 16.50 -11.41 -12.00
CA HIS B 186 17.88 -11.88 -12.19
C HIS B 186 18.33 -12.61 -10.93
N LEU B 187 18.03 -12.00 -9.79
CA LEU B 187 18.38 -12.57 -8.49
C LEU B 187 17.62 -13.85 -8.23
N MET B 188 16.41 -13.93 -8.76
CA MET B 188 15.59 -15.12 -8.57
C MET B 188 15.99 -16.26 -9.49
N ALA B 189 16.35 -15.92 -10.72
CA ALA B 189 16.79 -16.93 -11.68
C ALA B 189 18.11 -17.49 -11.13
N LYS B 190 18.93 -16.60 -10.59
CA LYS B 190 20.21 -16.96 -10.03
C LYS B 190 20.04 -17.91 -8.84
N ALA B 191 18.94 -17.77 -8.11
CA ALA B 191 18.67 -18.64 -6.96
C ALA B 191 18.08 -19.98 -7.41
N GLY B 192 18.03 -20.19 -8.72
CA GLY B 192 17.50 -21.43 -9.25
C GLY B 192 15.99 -21.56 -9.34
N LEU B 193 15.27 -20.44 -9.29
CA LEU B 193 13.81 -20.47 -9.36
C LEU B 193 13.30 -20.67 -10.78
N THR B 194 12.27 -21.51 -10.94
CA THR B 194 11.72 -21.73 -12.26
C THR B 194 11.04 -20.45 -12.71
N LEU B 195 10.68 -20.40 -13.99
CA LEU B 195 10.02 -19.22 -14.52
C LEU B 195 8.77 -18.91 -13.69
N GLN B 196 7.92 -19.92 -13.50
CA GLN B 196 6.69 -19.76 -12.76
C GLN B 196 6.92 -19.31 -11.32
N GLN B 197 8.00 -19.79 -10.71
CA GLN B 197 8.33 -19.43 -9.33
C GLN B 197 8.87 -18.01 -9.26
N GLN B 198 9.53 -17.56 -10.33
CA GLN B 198 10.07 -16.22 -10.38
C GLN B 198 8.93 -15.20 -10.39
N HIS B 199 7.98 -15.42 -11.30
CA HIS B 199 6.82 -14.55 -11.45
C HIS B 199 5.99 -14.56 -10.16
N GLN B 200 5.73 -15.75 -9.64
CA GLN B 200 4.98 -15.86 -8.41
C GLN B 200 5.68 -15.10 -7.28
N ARG B 201 6.98 -15.34 -7.10
CA ARG B 201 7.72 -14.67 -6.03
C ARG B 201 7.76 -13.15 -6.24
N LEU B 202 7.91 -12.72 -7.48
CA LEU B 202 7.92 -11.30 -7.78
C LEU B 202 6.61 -10.71 -7.26
N ALA B 203 5.50 -11.41 -7.51
CA ALA B 203 4.17 -10.97 -7.08
C ALA B 203 4.04 -10.93 -5.57
N GLN B 204 4.50 -11.98 -4.90
CA GLN B 204 4.44 -12.06 -3.44
C GLN B 204 5.22 -10.92 -2.78
N LEU B 205 6.41 -10.64 -3.28
CA LEU B 205 7.24 -9.59 -2.73
C LEU B 205 6.57 -8.23 -2.88
N LEU B 206 6.13 -7.91 -4.10
CA LEU B 206 5.50 -6.64 -4.37
C LEU B 206 4.18 -6.43 -3.60
N LEU B 207 3.43 -7.50 -3.35
CA LEU B 207 2.19 -7.36 -2.60
C LEU B 207 2.48 -6.94 -1.17
N ILE B 208 3.70 -7.23 -0.71
CA ILE B 208 4.13 -6.87 0.64
C ILE B 208 4.22 -5.35 0.78
N LEU B 209 4.52 -4.66 -0.32
CA LEU B 209 4.63 -3.20 -0.28
C LEU B 209 3.27 -2.55 0.04
N SER B 210 2.19 -3.23 -0.30
CA SER B 210 0.85 -2.71 0.00
C SER B 210 0.71 -2.68 1.52
N HIS B 211 1.25 -3.71 2.16
CA HIS B 211 1.20 -3.82 3.60
C HIS B 211 2.12 -2.83 4.30
N ILE B 212 3.30 -2.59 3.72
CA ILE B 212 4.24 -1.65 4.29
C ILE B 212 3.61 -0.26 4.27
N ARG B 213 2.93 0.05 3.17
CA ARG B 213 2.25 1.31 3.02
C ARG B 213 1.17 1.45 4.10
N HIS B 214 0.37 0.42 4.29
CA HIS B 214 -0.68 0.47 5.31
C HIS B 214 -0.06 0.71 6.68
N MET B 215 1.01 -0.03 6.97
CA MET B 215 1.72 0.11 8.24
C MET B 215 2.19 1.57 8.41
N SER B 216 2.75 2.13 7.34
CA SER B 216 3.24 3.51 7.34
C SER B 216 2.13 4.52 7.65
N ASN B 217 0.99 4.36 6.99
CA ASN B 217 -0.15 5.24 7.21
C ASN B 217 -0.59 5.18 8.68
N LYS B 218 -0.71 3.98 9.24
CA LYS B 218 -1.13 3.83 10.63
C LYS B 218 -0.11 4.45 11.58
N GLY B 219 1.16 4.14 11.35
CA GLY B 219 2.20 4.68 12.21
C GLY B 219 2.33 6.19 12.11
N MET B 220 2.02 6.74 10.94
CA MET B 220 2.12 8.19 10.75
C MET B 220 1.05 8.86 11.63
N GLU B 221 -0.17 8.33 11.57
CA GLU B 221 -1.29 8.84 12.34
C GLU B 221 -0.97 8.69 13.83
N HIS B 222 -0.46 7.53 14.21
CA HIS B 222 -0.12 7.25 15.59
C HIS B 222 0.99 8.17 16.07
N LEU B 223 1.95 8.44 15.20
CA LEU B 223 3.06 9.31 15.55
C LEU B 223 2.56 10.74 15.73
N TYR B 224 1.64 11.16 14.88
CA TYR B 224 1.07 12.50 14.97
C TYR B 224 0.32 12.61 16.29
N SER B 225 -0.40 11.54 16.65
CA SER B 225 -1.14 11.52 17.91
C SER B 225 -0.17 11.87 19.03
N MET B 226 0.84 11.02 19.22
CA MET B 226 1.84 11.24 20.27
C MET B 226 2.29 12.70 20.28
N LYS B 227 2.54 13.27 19.09
CA LYS B 227 2.96 14.66 19.01
C LYS B 227 1.95 15.58 19.70
N ALA B 228 0.67 15.39 19.39
CA ALA B 228 -0.43 16.18 19.96
C ALA B 228 -0.48 16.12 21.49
N LYS B 229 -0.23 14.94 22.03
CA LYS B 229 -0.24 14.74 23.48
C LYS B 229 0.97 15.43 24.08
N ASN B 230 1.88 15.84 23.22
CA ASN B 230 3.10 16.49 23.63
C ASN B 230 3.84 15.55 24.57
N VAL B 231 4.36 14.48 23.99
CA VAL B 231 5.10 13.49 24.74
C VAL B 231 6.52 13.43 24.21
N VAL B 232 6.72 12.53 23.26
CA VAL B 232 8.00 12.30 22.64
C VAL B 232 8.63 13.59 22.13
N PRO B 233 9.95 13.75 22.34
CA PRO B 233 10.52 14.99 21.84
C PRO B 233 10.76 14.77 20.35
N LEU B 234 9.90 15.30 19.48
CA LEU B 234 10.14 15.13 18.05
C LEU B 234 11.40 15.92 17.75
N TYR B 235 12.32 15.32 16.99
CA TYR B 235 13.57 16.00 16.70
C TYR B 235 13.53 16.83 15.43
N ASP B 236 14.64 17.48 15.15
CA ASP B 236 14.80 18.32 13.98
C ASP B 236 14.39 17.90 12.56
N LEU B 237 15.02 16.84 12.07
CA LEU B 237 14.62 16.17 10.83
C LEU B 237 13.33 15.34 10.88
N LEU B 238 13.14 14.58 11.95
CA LEU B 238 11.94 13.75 12.11
C LEU B 238 10.68 14.62 12.09
N LEU B 239 10.71 15.71 12.85
CA LEU B 239 9.58 16.62 12.90
C LEU B 239 9.23 17.11 11.51
N GLU B 240 10.24 17.59 10.79
CA GLU B 240 10.03 18.08 9.43
C GLU B 240 9.47 16.99 8.53
N MET B 241 10.00 15.78 8.66
CA MET B 241 9.52 14.68 7.85
C MET B 241 8.07 14.36 8.24
N LEU B 242 7.76 14.50 9.53
CA LEU B 242 6.41 14.25 10.00
C LEU B 242 5.46 15.29 9.39
N ASP B 243 5.85 16.56 9.49
CA ASP B 243 5.04 17.64 8.95
C ASP B 243 4.78 17.48 7.46
N ALA B 244 5.70 16.83 6.75
CA ALA B 244 5.52 16.64 5.32
C ALA B 244 4.14 16.13 4.97
N HIS B 245 3.52 15.38 5.88
CA HIS B 245 2.19 14.82 5.67
C HIS B 245 1.13 15.76 6.24
N ARG B 246 0.68 16.68 5.40
CA ARG B 246 -0.33 17.66 5.77
C ARG B 246 -1.54 17.01 6.40
N HIS C 2 -22.03 -10.49 15.10
CA HIS C 2 -23.21 -10.53 14.23
C HIS C 2 -23.40 -9.22 13.48
N LYS C 3 -22.37 -8.79 12.76
CA LYS C 3 -22.47 -7.56 12.00
C LYS C 3 -23.40 -7.77 10.81
N ILE C 4 -23.79 -6.67 10.16
CA ILE C 4 -24.64 -6.73 9.00
C ILE C 4 -23.91 -7.48 7.89
N LEU C 5 -22.61 -7.22 7.78
CA LEU C 5 -21.74 -7.83 6.78
C LEU C 5 -21.73 -9.34 6.98
N HIS C 6 -21.64 -9.73 8.25
CA HIS C 6 -21.62 -11.14 8.61
C HIS C 6 -22.87 -11.84 8.07
N ARG C 7 -24.01 -11.22 8.32
CA ARG C 7 -25.30 -11.75 7.90
C ARG C 7 -25.41 -11.83 6.37
N LEU C 8 -25.11 -10.73 5.69
CA LEU C 8 -25.18 -10.70 4.23
C LEU C 8 -24.23 -11.70 3.60
N LEU C 9 -23.16 -12.03 4.31
CA LEU C 9 -22.18 -12.99 3.82
C LEU C 9 -22.72 -14.41 3.98
N GLN C 10 -23.41 -14.66 5.10
CA GLN C 10 -23.97 -15.97 5.40
C GLN C 10 -25.14 -16.33 4.50
N GLU C 11 -26.14 -15.46 4.48
CA GLU C 11 -27.32 -15.69 3.67
C GLU C 11 -26.97 -16.22 2.27
N GLY C 12 -27.73 -17.22 1.82
CA GLY C 12 -27.49 -17.79 0.51
C GLY C 12 -27.81 -16.81 -0.59
N ARG D 1 11.51 26.83 0.74
CA ARG D 1 11.62 27.07 2.18
C ARG D 1 12.88 26.40 2.71
N HIS D 2 13.13 26.58 4.00
CA HIS D 2 14.32 25.98 4.62
C HIS D 2 13.98 24.61 5.19
N LYS D 3 14.73 23.61 4.77
CA LYS D 3 14.54 22.24 5.23
C LYS D 3 15.88 21.58 5.44
N ILE D 4 16.01 20.84 6.55
CA ILE D 4 17.24 20.12 6.84
C ILE D 4 17.42 19.10 5.71
N LEU D 5 16.30 18.57 5.23
CA LEU D 5 16.32 17.59 4.15
C LEU D 5 17.05 18.20 2.95
N HIS D 6 16.79 19.46 2.65
CA HIS D 6 17.46 20.12 1.54
C HIS D 6 18.97 20.12 1.80
N ARG D 7 19.34 20.40 3.04
CA ARG D 7 20.75 20.46 3.43
C ARG D 7 21.44 19.11 3.25
N LEU D 8 20.75 18.02 3.58
CA LEU D 8 21.33 16.70 3.47
C LEU D 8 21.36 16.19 2.03
N LEU D 9 20.37 16.59 1.24
CA LEU D 9 20.32 16.17 -0.15
C LEU D 9 21.36 16.89 -1.00
N GLN D 10 21.56 18.17 -0.71
CA GLN D 10 22.54 18.98 -1.44
C GLN D 10 23.98 18.79 -0.96
N GLU D 11 24.17 18.73 0.35
CA GLU D 11 25.51 18.55 0.89
C GLU D 11 25.93 17.10 0.67
N GLY D 12 25.93 16.71 -0.59
CA GLY D 12 26.30 15.35 -0.96
C GLY D 12 25.91 15.04 -2.39
#